data_7HD5
#
_entry.id   7HD5
#
_cell.length_a   88.783
_cell.length_b   88.783
_cell.length_c   39.492
_cell.angle_alpha   90.000
_cell.angle_beta   90.000
_cell.angle_gamma   90.000
#
_symmetry.space_group_name_H-M   'P 43'
#
loop_
_entity.id
_entity.type
_entity.pdbx_description
1 polymer 'Non-structural protein 3'
2 non-polymer 'trifluoroacetic acid'
3 non-polymer (2S)-3-(benzyloxy)-2-[(7H-pyrrolo[2,3-d]pyrimidin-4-yl)amino]propan-1-ol
4 non-polymer (2R)-3-(benzyloxy)-2-[(7H-pyrrolo[2,3-d]pyrimidin-4-yl)amino]propan-1-ol
5 non-polymer 'CHLORIDE ION'
6 water water
#
_entity_poly.entity_id   1
_entity_poly.type   'polypeptide(L)'
_entity_poly.pdbx_seq_one_letter_code
;SMVNSFSGYLKLTDNVYIKNADIVEEAKKVKPTVVVNAANVYLKHGGGVAGALNKATNNAMQVESDDYIATNGPLKVGGS
CVLSGHNLAKHCLHVVGPNVNKGEDIQLLKSAYENFNQHEVLLAPLLSAGIFGADPIHSLRVCVDTVRTNVYLAVFDKNL
YDKLVSSFL
;
_entity_poly.pdbx_strand_id   A,B
#
# COMPACT_ATOMS: atom_id res chain seq x y z
N VAL A 3 -14.21 13.71 -13.49
N VAL A 3 -14.33 13.76 -13.54
CA VAL A 3 -15.55 13.36 -13.04
CA VAL A 3 -15.66 13.37 -13.09
C VAL A 3 -15.73 11.86 -13.01
C VAL A 3 -15.79 11.86 -13.05
N ASN A 4 -16.33 11.34 -11.93
CA ASN A 4 -16.59 9.92 -11.77
C ASN A 4 -18.04 9.72 -11.35
N SER A 5 -18.44 8.47 -11.13
N SER A 5 -18.43 8.45 -11.29
CA SER A 5 -19.84 8.16 -10.86
CA SER A 5 -19.81 8.04 -11.10
C SER A 5 -20.16 7.96 -9.37
C SER A 5 -20.15 7.82 -9.63
N PHE A 6 -19.26 8.34 -8.47
N PHE A 6 -19.20 7.99 -8.72
CA PHE A 6 -19.55 8.24 -7.04
CA PHE A 6 -19.51 8.00 -7.30
C PHE A 6 -20.49 9.37 -6.61
C PHE A 6 -20.46 9.16 -7.02
N SER A 7 -21.49 9.03 -5.79
N SER A 7 -21.56 8.87 -6.33
CA SER A 7 -22.59 9.93 -5.48
CA SER A 7 -22.64 9.83 -6.13
C SER A 7 -22.85 10.02 -3.98
C SER A 7 -22.97 9.93 -4.65
N GLY A 8 -23.12 11.23 -3.49
N GLY A 8 -23.15 11.17 -4.19
CA GLY A 8 -23.54 11.42 -2.12
CA GLY A 8 -23.61 11.40 -2.84
C GLY A 8 -22.44 11.39 -1.08
C GLY A 8 -22.53 11.40 -1.78
N TYR A 9 -21.18 11.53 -1.48
N TYR A 9 -21.27 11.39 -2.15
CA TYR A 9 -20.07 11.53 -0.55
CA TYR A 9 -20.20 11.39 -1.16
C TYR A 9 -19.81 12.92 0.02
C TYR A 9 -19.98 12.78 -0.59
N LEU A 10 -19.40 12.96 1.28
N LEU A 10 -19.62 12.82 0.70
CA LEU A 10 -18.88 14.17 1.90
CA LEU A 10 -19.19 14.04 1.37
C LEU A 10 -17.39 14.27 1.59
C LEU A 10 -17.68 14.18 1.20
N LYS A 11 -16.94 15.46 1.20
N LYS A 11 -17.25 15.34 0.74
CA LYS A 11 -15.54 15.69 0.84
CA LYS A 11 -15.82 15.60 0.54
C LYS A 11 -14.78 16.06 2.11
C LYS A 11 -15.18 15.91 1.88
N LEU A 12 -13.78 15.25 2.47
N LEU A 12 -14.15 15.16 2.25
CA LEU A 12 -12.98 15.58 3.65
CA LEU A 12 -13.42 15.40 3.48
C LEU A 12 -11.73 16.38 3.31
C LEU A 12 -12.14 16.20 3.26
N THR A 13 -11.06 16.02 2.21
N THR A 13 -11.37 15.87 2.21
CA THR A 13 -9.84 16.69 1.77
CA THR A 13 -10.15 16.57 1.89
C THR A 13 -9.86 16.75 0.25
C THR A 13 -10.05 16.69 0.37
N ASP A 14 -8.75 17.21 -0.32
N ASP A 14 -8.88 17.12 -0.10
CA ASP A 14 -8.63 17.25 -1.77
CA ASP A 14 -8.62 17.21 -1.52
C ASP A 14 -8.98 15.91 -2.40
C ASP A 14 -8.85 15.89 -2.23
N ASN A 15 -8.57 14.80 -1.78
N ASN A 15 -8.61 14.75 -1.54
CA ASN A 15 -8.65 13.49 -2.41
CA ASN A 15 -8.62 13.46 -2.20
C ASN A 15 -9.46 12.44 -1.66
C ASN A 15 -9.36 12.36 -1.43
N VAL A 16 -9.88 12.70 -0.42
N VAL A 16 -10.13 12.70 -0.38
CA VAL A 16 -10.60 11.73 0.40
CA VAL A 16 -10.80 11.70 0.45
C VAL A 16 -12.05 12.17 0.56
C VAL A 16 -12.28 12.06 0.56
N TYR A 17 -12.95 11.20 0.35
N TYR A 17 -13.14 11.10 0.23
CA TYR A 17 -14.39 11.35 0.44
CA TYR A 17 -14.58 11.25 0.19
C TYR A 17 -14.96 10.26 1.34
C TYR A 17 -15.23 10.14 1.00
N ILE A 18 -16.13 10.49 1.95
N ILE A 18 -16.38 10.40 1.59
CA ILE A 18 -16.68 9.54 2.92
CA ILE A 18 -16.98 9.45 2.53
C ILE A 18 -18.20 9.52 2.84
C ILE A 18 -18.49 9.41 2.38
N LYS A 19 -18.78 8.34 3.10
N LYS A 19 -19.07 8.22 2.56
CA LYS A 19 -20.23 8.14 3.02
CA LYS A 19 -20.49 8.00 2.41
C LYS A 19 -20.63 6.99 3.94
C LYS A 19 -20.92 6.93 3.39
N ASN A 20 -21.86 7.07 4.49
N ASN A 20 -22.08 7.12 4.00
CA ASN A 20 -22.45 5.97 5.24
CA ASN A 20 -22.70 6.05 4.77
C ASN A 20 -23.12 5.02 4.25
C ASN A 20 -23.22 5.03 3.77
N ALA A 21 -22.46 3.91 3.93
N ALA A 21 -22.55 3.89 3.70
CA ALA A 21 -22.95 3.05 2.86
CA ALA A 21 -22.99 2.86 2.78
C ALA A 21 -22.42 1.63 3.06
C ALA A 21 -22.23 1.58 3.08
N ASP A 22 -23.14 0.67 2.44
N ASP A 22 -22.90 0.47 2.86
CA ASP A 22 -22.73 -0.73 2.39
CA ASP A 22 -22.24 -0.82 2.76
C ASP A 22 -21.85 -0.91 1.16
C ASP A 22 -21.35 -0.81 1.51
N ILE A 23 -20.58 -1.26 1.39
N ILE A 23 -20.06 -1.10 1.69
CA ILE A 23 -19.61 -1.31 0.29
CA ILE A 23 -19.15 -1.11 0.54
C ILE A 23 -20.03 -2.31 -0.77
C ILE A 23 -19.64 -2.08 -0.53
N VAL A 24 -20.73 -3.38 -0.38
N VAL A 24 -20.31 -3.16 -0.12
CA VAL A 24 -21.23 -4.35 -1.36
CA VAL A 24 -20.85 -4.10 -1.09
C VAL A 24 -22.22 -3.68 -2.30
C VAL A 24 -21.91 -3.44 -1.95
N GLU A 25 -23.21 -2.98 -1.73
N GLU A 25 -22.79 -2.65 -1.33
CA GLU A 25 -24.21 -2.33 -2.55
CA GLU A 25 -23.82 -1.96 -2.11
C GLU A 25 -23.61 -1.19 -3.35
C GLU A 25 -23.23 -0.86 -2.97
N GLU A 26 -22.65 -0.47 -2.77
N GLU A 26 -22.24 -0.12 -2.47
CA GLU A 26 -21.97 0.60 -3.49
CA GLU A 26 -21.54 0.86 -3.30
C GLU A 26 -21.22 0.04 -4.70
C GLU A 26 -20.90 0.19 -4.50
N ALA A 27 -20.47 -1.04 -4.50
N ALA A 27 -20.30 -0.99 -4.30
CA ALA A 27 -19.70 -1.61 -5.60
CA ALA A 27 -19.66 -1.69 -5.42
C ALA A 27 -20.61 -2.06 -6.74
C ALA A 27 -20.69 -2.14 -6.44
N LYS A 28 -21.72 -2.72 -6.41
N LYS A 28 -21.78 -2.76 -5.98
CA LYS A 28 -22.64 -3.17 -7.45
CA LYS A 28 -22.79 -3.26 -6.90
C LYS A 28 -23.19 -2.00 -8.25
C LYS A 28 -23.37 -2.16 -7.77
N LYS A 29 -23.44 -0.87 -7.60
N LYS A 29 -23.50 -0.95 -7.24
CA LYS A 29 -23.99 0.29 -8.30
CA LYS A 29 -24.12 0.15 -7.99
C LYS A 29 -22.93 0.95 -9.17
C LYS A 29 -23.12 0.87 -8.88
N VAL A 30 -21.78 1.27 -8.58
N VAL A 30 -21.90 1.09 -8.38
CA VAL A 30 -20.75 2.03 -9.28
CA VAL A 30 -20.94 1.91 -9.10
C VAL A 30 -19.95 1.14 -10.24
C VAL A 30 -20.12 1.09 -10.10
N LYS A 31 -19.76 -0.13 -9.89
N LYS A 31 -19.81 -0.16 -9.77
CA LYS A 31 -18.81 -1.00 -10.58
CA LYS A 31 -18.86 -0.97 -10.51
C LYS A 31 -17.47 -0.29 -10.74
C LYS A 31 -17.55 -0.20 -10.72
N PRO A 32 -16.83 0.10 -9.63
CA PRO A 32 -15.62 0.90 -9.74
C PRO A 32 -14.49 0.09 -10.35
N THR A 33 -13.45 0.81 -10.78
CA THR A 33 -12.25 0.14 -11.26
C THR A 33 -11.63 -0.72 -10.18
N VAL A 34 -11.57 -0.22 -8.95
CA VAL A 34 -10.95 -0.91 -7.82
C VAL A 34 -11.86 -0.82 -6.62
N VAL A 35 -12.23 -1.98 -6.07
CA VAL A 35 -12.78 -2.07 -4.73
C VAL A 35 -11.73 -2.69 -3.81
N VAL A 36 -11.56 -2.11 -2.63
CA VAL A 36 -10.62 -2.61 -1.64
C VAL A 36 -11.34 -3.58 -0.72
N ASN A 37 -10.72 -4.76 -0.53
CA ASN A 37 -11.15 -5.70 0.48
C ASN A 37 -10.30 -5.57 1.72
N ALA A 38 -10.95 -5.65 2.89
N ALA A 38 -10.94 -5.63 2.90
CA ALA A 38 -10.31 -5.77 4.19
CA ALA A 38 -10.23 -5.64 4.17
C ALA A 38 -9.93 -7.23 4.41
C ALA A 38 -9.82 -7.08 4.48
N ALA A 39 -8.80 -7.62 3.83
N ALA A 39 -8.71 -7.48 3.87
CA ALA A 39 -8.37 -9.01 3.77
CA ALA A 39 -8.27 -8.87 3.85
C ALA A 39 -7.51 -9.38 4.96
C ALA A 39 -7.47 -9.23 5.11
N ASN A 40 -7.31 -10.68 5.15
N ASN A 40 -7.38 -10.53 5.36
CA ASN A 40 -6.27 -11.22 6.00
CA ASN A 40 -6.39 -11.07 6.28
C ASN A 40 -5.20 -11.89 5.14
C ASN A 40 -5.31 -11.80 5.47
N VAL A 41 -4.09 -12.27 5.76
N VAL A 41 -4.23 -12.19 6.15
CA VAL A 41 -2.95 -12.77 5.00
CA VAL A 41 -3.06 -12.70 5.46
C VAL A 41 -3.26 -14.06 4.26
C VAL A 41 -3.35 -13.97 4.68
N TYR A 42 -4.25 -14.83 4.70
N TYR A 42 -4.36 -14.73 5.10
CA TYR A 42 -4.61 -16.09 4.07
CA TYR A 42 -4.70 -16.00 4.46
C TYR A 42 -5.71 -15.92 3.03
C TYR A 42 -5.76 -15.86 3.38
N LEU A 43 -6.19 -14.70 2.84
N LEU A 43 -6.24 -14.64 3.12
CA LEU A 43 -7.34 -14.43 1.98
CA LEU A 43 -7.35 -14.40 2.19
C LEU A 43 -8.51 -15.36 2.28
C LEU A 43 -8.53 -15.31 2.49
N LYS A 44 -8.77 -15.56 3.58
N LYS A 44 -8.78 -15.56 3.78
CA LYS A 44 -9.93 -16.31 4.06
CA LYS A 44 -9.96 -16.30 4.22
C LYS A 44 -11.01 -15.29 4.40
C LYS A 44 -11.07 -15.29 4.45
N HIS A 45 -12.01 -15.20 3.52
CA HIS A 45 -12.99 -14.13 3.54
C HIS A 45 -14.23 -14.56 4.32
N GLY A 46 -14.09 -14.59 5.64
N GLY A 46 -14.11 -14.57 5.64
CA GLY A 46 -15.11 -15.18 6.48
CA GLY A 46 -15.16 -15.15 6.46
C GLY A 46 -16.14 -14.24 7.05
C GLY A 46 -16.28 -14.21 6.86
N GLY A 47 -15.75 -13.00 7.35
N GLY A 47 -15.96 -12.95 7.16
CA GLY A 47 -16.63 -12.07 8.02
CA GLY A 47 -16.94 -12.03 7.68
C GLY A 47 -16.21 -10.65 7.72
C GLY A 47 -16.50 -10.59 7.47
N GLY A 48 -16.95 -9.71 8.29
N GLY A 48 -17.29 -9.66 8.02
CA GLY A 48 -16.65 -8.32 8.01
CA GLY A 48 -16.98 -8.26 7.84
C GLY A 48 -16.86 -8.02 6.54
C GLY A 48 -17.01 -7.88 6.38
N VAL A 49 -16.16 -6.97 6.09
N VAL A 49 -16.08 -6.99 5.99
CA VAL A 49 -16.20 -6.59 4.67
CA VAL A 49 -15.97 -6.58 4.60
C VAL A 49 -15.88 -7.79 3.78
C VAL A 49 -15.72 -7.78 3.69
N ALA A 50 -14.84 -8.53 4.14
N ALA A 50 -14.77 -8.64 4.06
CA ALA A 50 -14.37 -9.62 3.29
CA ALA A 50 -14.36 -9.72 3.18
C ALA A 50 -15.43 -10.69 3.11
C ALA A 50 -15.47 -10.75 3.02
N GLY A 51 -16.07 -11.10 4.20
N GLY A 51 -16.07 -11.17 4.15
CA GLY A 51 -17.12 -12.08 4.09
CA GLY A 51 -17.16 -12.12 4.07
C GLY A 51 -18.29 -11.57 3.25
C GLY A 51 -18.33 -11.59 3.26
N ALA A 52 -18.62 -10.29 3.40
CA ALA A 52 -19.72 -9.70 2.65
C ALA A 52 -19.38 -9.59 1.16
N LEU A 53 -18.18 -9.11 0.83
N LEU A 53 -18.18 -9.09 0.83
CA LEU A 53 -17.81 -9.04 -0.59
CA LEU A 53 -17.78 -9.04 -0.57
C LEU A 53 -17.78 -10.43 -1.21
C LEU A 53 -17.82 -10.43 -1.19
N ASN A 54 -17.22 -11.40 -0.49
N ASN A 54 -17.20 -11.41 -0.52
CA ASN A 54 -17.12 -12.73 -1.06
CA ASN A 54 -17.13 -12.74 -1.10
C ASN A 54 -18.51 -13.34 -1.29
C ASN A 54 -18.53 -13.33 -1.30
N LYS A 55 -19.42 -13.15 -0.33
CA LYS A 55 -20.79 -13.65 -0.48
C LYS A 55 -21.44 -13.06 -1.72
N ALA A 56 -21.20 -11.77 -1.98
CA ALA A 56 -21.79 -11.11 -3.14
C ALA A 56 -21.25 -11.68 -4.46
N THR A 57 -20.06 -12.28 -4.45
CA THR A 57 -19.49 -12.94 -5.62
C THR A 57 -19.89 -14.41 -5.71
N ASN A 58 -20.79 -14.87 -4.86
CA ASN A 58 -21.20 -16.28 -4.89
C ASN A 58 -20.00 -17.21 -4.64
N ASN A 59 -19.06 -16.76 -3.80
CA ASN A 59 -17.87 -17.50 -3.39
C ASN A 59 -16.77 -17.53 -4.47
N ALA A 60 -16.96 -16.86 -5.61
CA ALA A 60 -15.91 -16.87 -6.62
C ALA A 60 -14.66 -16.16 -6.12
N MET A 61 -14.81 -15.13 -5.30
CA MET A 61 -13.64 -14.47 -4.72
C MET A 61 -12.82 -15.46 -3.89
N GLN A 62 -13.49 -16.28 -3.09
CA GLN A 62 -12.76 -17.26 -2.26
C GLN A 62 -12.06 -18.30 -3.12
N VAL A 63 -12.72 -18.79 -4.17
CA VAL A 63 -12.09 -19.79 -5.04
C VAL A 63 -10.83 -19.24 -5.68
N GLU A 64 -10.92 -18.00 -6.20
CA GLU A 64 -9.76 -17.36 -6.80
C GLU A 64 -8.66 -17.16 -5.76
N SER A 65 -9.06 -16.73 -4.56
CA SER A 65 -8.10 -16.47 -3.50
C SER A 65 -7.37 -17.72 -3.06
N ASP A 66 -8.08 -18.85 -2.99
CA ASP A 66 -7.43 -20.09 -2.56
C ASP A 66 -6.36 -20.50 -3.56
N ASP A 67 -6.61 -20.30 -4.85
CA ASP A 67 -5.59 -20.58 -5.86
C ASP A 67 -4.42 -19.61 -5.72
N TYR A 68 -4.69 -18.33 -5.44
CA TYR A 68 -3.62 -17.36 -5.23
C TYR A 68 -2.71 -17.79 -4.09
N ILE A 69 -3.30 -18.20 -2.96
CA ILE A 69 -2.50 -18.59 -1.79
C ILE A 69 -1.73 -19.88 -2.08
N ALA A 70 -2.37 -20.84 -2.75
CA ALA A 70 -1.67 -22.08 -3.06
C ALA A 70 -0.43 -21.82 -3.91
N THR A 71 -0.47 -20.81 -4.77
CA THR A 71 0.68 -20.50 -5.62
C THR A 71 1.71 -19.62 -4.91
N ASN A 72 1.26 -18.62 -4.16
CA ASN A 72 2.11 -17.55 -3.69
C ASN A 72 2.36 -17.52 -2.19
N GLY A 73 1.58 -18.25 -1.40
CA GLY A 73 1.67 -18.17 0.03
C GLY A 73 0.98 -16.94 0.57
N PRO A 74 0.96 -16.80 1.89
CA PRO A 74 0.22 -15.69 2.51
C PRO A 74 0.79 -14.32 2.18
N LEU A 75 -0.08 -13.32 2.25
CA LEU A 75 0.35 -11.94 2.19
C LEU A 75 1.07 -11.58 3.48
N LYS A 76 1.71 -10.40 3.47
CA LYS A 76 2.25 -9.76 4.65
C LYS A 76 1.19 -8.86 5.28
N VAL A 77 1.19 -8.75 6.61
CA VAL A 77 0.42 -7.68 7.24
C VAL A 77 0.97 -6.35 6.76
N GLY A 78 0.09 -5.48 6.25
CA GLY A 78 0.49 -4.25 5.59
C GLY A 78 0.59 -4.38 4.09
N GLY A 79 0.50 -5.61 3.55
CA GLY A 79 0.63 -5.85 2.14
C GLY A 79 -0.69 -6.00 1.42
N SER A 80 -0.60 -6.32 0.13
CA SER A 80 -1.78 -6.38 -0.71
C SER A 80 -1.51 -7.25 -1.93
N CYS A 81 -2.59 -7.62 -2.60
CA CYS A 81 -2.52 -8.18 -3.94
C CYS A 81 -3.73 -7.72 -4.73
N VAL A 82 -3.57 -7.67 -6.05
CA VAL A 82 -4.65 -7.34 -6.97
C VAL A 82 -5.20 -8.63 -7.55
N LEU A 83 -6.50 -8.85 -7.37
CA LEU A 83 -7.20 -9.98 -7.95
C LEU A 83 -8.43 -9.44 -8.69
N SER A 84 -9.23 -10.36 -9.23
CA SER A 84 -10.43 -9.94 -9.96
C SER A 84 -11.43 -9.26 -9.03
N GLY A 85 -12.17 -8.31 -9.59
CA GLY A 85 -13.32 -7.74 -8.90
C GLY A 85 -14.61 -8.48 -9.12
N HIS A 86 -14.59 -9.54 -9.93
CA HIS A 86 -15.76 -10.40 -10.16
C HIS A 86 -16.91 -9.53 -10.63
N ASN A 87 -18.11 -9.69 -10.09
CA ASN A 87 -19.28 -8.93 -10.48
C ASN A 87 -19.36 -7.57 -9.80
N LEU A 88 -18.37 -7.21 -8.98
CA LEU A 88 -18.45 -6.01 -8.15
C LEU A 88 -17.62 -4.84 -8.65
N ALA A 89 -16.54 -5.10 -9.39
CA ALA A 89 -15.57 -4.09 -9.78
C ALA A 89 -14.69 -4.72 -10.83
N LYS A 90 -13.90 -3.91 -11.52
CA LYS A 90 -12.90 -4.49 -12.41
C LYS A 90 -11.90 -5.33 -11.62
N HIS A 91 -11.32 -4.73 -10.58
CA HIS A 91 -10.30 -5.35 -9.76
C HIS A 91 -10.70 -5.25 -8.30
N CYS A 92 -10.21 -6.20 -7.51
CA CYS A 92 -10.25 -6.10 -6.06
C CYS A 92 -8.82 -6.02 -5.54
N LEU A 93 -8.52 -4.95 -4.82
CA LEU A 93 -7.26 -4.81 -4.11
C LEU A 93 -7.46 -5.35 -2.69
N HIS A 94 -6.92 -6.54 -2.43
CA HIS A 94 -6.98 -7.15 -1.11
C HIS A 94 -5.86 -6.55 -0.28
N VAL A 95 -6.21 -5.81 0.77
CA VAL A 95 -5.24 -5.11 1.61
C VAL A 95 -5.35 -5.63 3.03
N VAL A 96 -4.23 -5.99 3.63
CA VAL A 96 -4.20 -6.52 4.98
C VAL A 96 -3.79 -5.41 5.95
N GLY A 97 -4.76 -4.86 6.67
N GLY A 97 -4.75 -4.87 6.67
CA GLY A 97 -4.45 -4.02 7.80
CA GLY A 97 -4.45 -4.02 7.80
C GLY A 97 -4.12 -4.88 9.00
C GLY A 97 -4.20 -4.85 9.04
N PRO A 98 -3.44 -4.31 9.98
CA PRO A 98 -3.18 -5.05 11.22
C PRO A 98 -4.47 -5.33 11.98
N ASN A 99 -4.58 -6.55 12.50
N ASN A 99 -4.48 -6.50 12.60
CA ASN A 99 -5.74 -6.97 13.28
CA ASN A 99 -5.54 -6.91 13.51
C ASN A 99 -5.36 -6.90 14.76
C ASN A 99 -5.06 -6.62 14.93
N VAL A 100 -5.89 -5.88 15.44
N VAL A 100 -5.74 -5.69 15.60
CA VAL A 100 -5.58 -5.67 16.85
CA VAL A 100 -5.36 -5.30 16.96
C VAL A 100 -6.04 -6.87 17.69
C VAL A 100 -5.56 -6.44 17.93
N ASN A 101 -7.13 -7.52 17.29
N ASN A 101 -6.56 -7.29 17.70
CA ASN A 101 -7.58 -8.70 18.02
CA ASN A 101 -6.81 -8.42 18.57
C ASN A 101 -6.67 -9.90 17.82
C ASN A 101 -5.72 -9.49 18.43
N LYS A 102 -5.62 -9.76 17.01
N LYS A 102 -5.03 -9.52 17.30
CA LYS A 102 -4.55 -10.76 16.93
CA LYS A 102 -3.89 -10.42 17.11
C LYS A 102 -3.24 -10.27 17.51
C LYS A 102 -2.59 -9.82 17.64
N GLY A 103 -3.19 -9.04 18.03
N GLY A 103 -2.63 -8.65 18.26
CA GLY A 103 -1.97 -8.50 18.58
CA GLY A 103 -1.43 -8.00 18.72
C GLY A 103 -1.02 -7.90 17.57
C GLY A 103 -0.56 -7.39 17.64
N GLU A 104 -1.51 -7.48 16.40
N GLU A 104 -1.08 -7.27 16.41
CA GLU A 104 -0.65 -6.97 15.34
CA GLU A 104 -0.26 -6.82 15.29
C GLU A 104 -0.41 -5.48 15.49
C GLU A 104 -0.03 -5.31 15.39
N ASP A 105 0.75 -5.04 14.98
N ASP A 105 1.18 -4.89 14.98
CA ASP A 105 1.26 -3.69 15.24
CA ASP A 105 1.63 -3.51 15.15
C ASP A 105 0.44 -2.66 14.46
C ASP A 105 0.73 -2.54 14.40
N ILE A 106 -0.25 -1.78 15.20
N ILE A 106 0.14 -1.59 15.14
CA ILE A 106 -1.07 -0.75 14.56
CA ILE A 106 -0.79 -0.65 14.52
C ILE A 106 -0.25 0.15 13.66
C ILE A 106 -0.07 0.30 13.57
N GLN A 107 1.06 0.26 13.90
N GLN A 107 1.25 0.46 13.72
CA GLN A 107 1.93 1.05 13.03
CA GLN A 107 2.00 1.26 12.75
C GLN A 107 1.91 0.55 11.60
C GLN A 107 1.87 0.69 11.36
N LEU A 108 1.52 -0.71 11.38
N LEU A 108 1.66 -0.63 11.24
CA LEU A 108 1.45 -1.24 10.02
CA LEU A 108 1.47 -1.25 9.95
C LEU A 108 0.25 -0.72 9.25
C LEU A 108 0.22 -0.74 9.23
N LEU A 109 -0.65 0.02 9.91
CA LEU A 109 -1.81 0.56 9.21
C LEU A 109 -1.38 1.56 8.15
N LYS A 110 -0.34 2.35 8.41
CA LYS A 110 0.13 3.28 7.38
C LYS A 110 0.65 2.51 6.16
N SER A 111 1.44 1.45 6.39
CA SER A 111 1.91 0.63 5.28
C SER A 111 0.74 0.06 4.48
N ALA A 112 -0.31 -0.37 5.17
CA ALA A 112 -1.48 -0.92 4.49
C ALA A 112 -2.10 0.13 3.56
N TYR A 113 -2.30 1.36 4.07
CA TYR A 113 -2.90 2.40 3.24
C TYR A 113 -2.00 2.82 2.08
N GLU A 114 -0.68 2.67 2.22
CA GLU A 114 0.21 3.02 1.11
C GLU A 114 -0.10 2.24 -0.16
N ASN A 115 -0.65 1.02 -0.01
CA ASN A 115 -1.03 0.26 -1.20
C ASN A 115 -2.04 1.01 -2.06
N PHE A 116 -2.87 1.87 -1.44
CA PHE A 116 -3.88 2.58 -2.22
C PHE A 116 -3.25 3.53 -3.23
N ASN A 117 -2.03 3.99 -2.97
CA ASN A 117 -1.40 4.96 -3.84
C ASN A 117 -1.02 4.41 -5.20
N GLN A 118 -1.08 3.10 -5.37
CA GLN A 118 -0.81 2.47 -6.66
C GLN A 118 -2.03 2.49 -7.57
N HIS A 119 -3.14 3.10 -7.15
CA HIS A 119 -4.38 3.13 -7.91
C HIS A 119 -4.96 4.53 -7.87
N GLU A 120 -5.35 5.03 -9.05
CA GLU A 120 -5.77 6.42 -9.14
C GLU A 120 -7.08 6.70 -8.39
N VAL A 121 -8.01 5.75 -8.39
CA VAL A 121 -9.31 5.91 -7.74
C VAL A 121 -9.71 4.57 -7.13
N LEU A 122 -10.22 4.60 -5.90
CA LEU A 122 -10.62 3.38 -5.20
C LEU A 122 -11.88 3.61 -4.38
N LEU A 123 -12.71 2.57 -4.31
CA LEU A 123 -13.77 2.45 -3.31
C LEU A 123 -13.23 1.56 -2.19
N ALA A 124 -13.34 2.00 -0.94
N ALA A 124 -13.27 2.03 -0.96
CA ALA A 124 -12.63 1.29 0.12
CA ALA A 124 -12.54 1.36 0.10
C ALA A 124 -13.34 1.40 1.46
C ALA A 124 -13.31 1.39 1.41
N PRO A 125 -13.15 0.43 2.34
N PRO A 125 -13.02 0.45 2.31
CA PRO A 125 -13.53 0.56 3.74
CA PRO A 125 -13.54 0.53 3.68
C PRO A 125 -12.37 1.18 4.53
C PRO A 125 -12.49 1.12 4.59
N LEU A 126 -12.68 1.55 5.76
N LEU A 126 -12.81 1.33 5.87
CA LEU A 126 -11.63 1.96 6.70
CA LEU A 126 -11.84 1.78 6.85
C LEU A 126 -10.85 0.73 7.14
C LEU A 126 -11.02 0.59 7.33
N LEU A 127 -9.55 0.75 6.89
N LEU A 127 -9.77 0.49 6.88
CA LEU A 127 -8.71 -0.40 7.20
CA LEU A 127 -8.95 -0.67 7.20
C LEU A 127 -8.57 -0.56 8.70
C LEU A 127 -8.68 -0.77 8.70
N SER A 128 -8.56 -1.81 9.14
N SER A 128 -8.57 -2.00 9.18
CA SER A 128 -8.40 -2.21 10.52
CA SER A 128 -8.22 -2.36 10.56
C SER A 128 -9.58 -1.83 11.40
C SER A 128 -9.30 -2.08 11.59
N ALA A 129 -10.64 -1.26 10.85
N ALA A 129 -10.36 -1.37 11.21
CA ALA A 129 -11.86 -0.95 11.59
CA ALA A 129 -11.45 -1.15 12.14
C ALA A 129 -12.70 -2.21 11.73
C ALA A 129 -12.49 -2.27 11.99
N GLY A 130 -13.91 -2.05 12.27
N GLY A 130 -13.60 -2.13 12.69
CA GLY A 130 -14.79 -3.20 12.42
CA GLY A 130 -14.57 -3.22 12.71
C GLY A 130 -14.14 -4.30 13.23
C GLY A 130 -13.98 -4.45 13.37
N ILE A 131 -14.27 -5.54 12.75
N ILE A 131 -14.18 -5.62 12.76
CA ILE A 131 -13.79 -6.70 13.49
CA ILE A 131 -13.74 -6.87 13.36
C ILE A 131 -12.27 -6.78 13.59
C ILE A 131 -12.22 -6.96 13.51
N PHE A 132 -11.53 -5.91 12.87
N PHE A 132 -11.46 -6.09 12.83
CA PHE A 132 -10.08 -5.86 13.04
CA PHE A 132 -10.01 -6.11 12.97
C PHE A 132 -9.66 -5.08 14.28
C PHE A 132 -9.51 -5.42 14.24
N GLY A 133 -10.59 -4.41 14.97
N GLY A 133 -10.37 -4.68 14.95
CA GLY A 133 -10.37 -3.96 16.33
CA GLY A 133 -10.08 -4.27 16.30
C GLY A 133 -9.61 -2.67 16.53
C GLY A 133 -9.70 -2.81 16.50
N ALA A 134 -9.28 -1.93 15.47
N ALA A 134 -9.32 -2.09 15.44
CA ALA A 134 -8.59 -0.65 15.65
CA ALA A 134 -8.79 -0.75 15.62
C ALA A 134 -9.60 0.48 15.80
C ALA A 134 -9.91 0.28 15.70
N ASP A 135 -9.11 1.62 16.26
N ASP A 135 -9.53 1.48 16.15
CA ASP A 135 -9.97 2.80 16.41
CA ASP A 135 -10.46 2.59 16.25
C ASP A 135 -10.26 3.38 15.02
C ASP A 135 -10.69 3.19 14.88
N PRO A 136 -11.53 3.45 14.61
N PRO A 136 -11.93 3.20 14.37
CA PRO A 136 -11.82 3.99 13.27
CA PRO A 136 -12.16 3.76 13.02
C PRO A 136 -11.45 5.44 13.09
C PRO A 136 -11.79 5.23 12.89
N ILE A 137 -11.55 6.26 14.14
N ILE A 137 -11.85 6.00 13.98
CA ILE A 137 -11.09 7.64 14.03
CA ILE A 137 -11.45 7.40 13.92
C ILE A 137 -9.62 7.67 13.66
C ILE A 137 -9.97 7.50 13.55
N HIS A 138 -8.83 6.79 14.29
N HIS A 138 -9.14 6.69 14.18
CA HIS A 138 -7.43 6.66 13.91
CA HIS A 138 -7.71 6.70 13.91
C HIS A 138 -7.29 6.18 12.47
C HIS A 138 -7.42 6.24 12.49
N SER A 139 -8.08 5.17 12.06
CA SER A 139 -7.93 4.68 10.69
C SER A 139 -8.22 5.77 9.66
N LEU A 140 -9.24 6.59 9.90
CA LEU A 140 -9.54 7.67 8.97
C LEU A 140 -8.39 8.68 8.92
N ARG A 141 -7.82 9.01 10.07
CA ARG A 141 -6.71 9.94 10.12
C ARG A 141 -5.52 9.40 9.33
N VAL A 142 -5.16 8.14 9.53
CA VAL A 142 -4.06 7.55 8.78
C VAL A 142 -4.36 7.57 7.29
N CYS A 143 -5.60 7.24 6.93
CA CYS A 143 -5.98 7.28 5.51
C CYS A 143 -5.72 8.66 4.91
N VAL A 144 -6.24 9.70 5.56
CA VAL A 144 -6.12 11.05 5.03
C VAL A 144 -4.66 11.47 4.95
N ASP A 145 -3.84 11.04 5.90
CA ASP A 145 -2.44 11.44 5.95
C ASP A 145 -1.52 10.54 5.12
N THR A 146 -2.05 9.50 4.49
CA THR A 146 -1.23 8.54 3.75
C THR A 146 -1.62 8.42 2.29
N VAL A 147 -2.92 8.33 2.00
CA VAL A 147 -3.40 8.12 0.65
C VAL A 147 -3.41 9.47 -0.06
N ARG A 148 -2.81 9.49 -1.25
CA ARG A 148 -2.75 10.67 -2.11
C ARG A 148 -3.63 10.54 -3.34
N THR A 149 -4.03 9.32 -3.69
CA THR A 149 -4.94 9.09 -4.78
C THR A 149 -6.38 9.27 -4.27
N ASN A 150 -7.34 9.16 -5.17
CA ASN A 150 -8.72 9.53 -4.86
C ASN A 150 -9.43 8.33 -4.23
N VAL A 151 -9.81 8.46 -2.97
CA VAL A 151 -10.39 7.36 -2.22
C VAL A 151 -11.79 7.75 -1.76
N TYR A 152 -12.73 6.84 -2.03
CA TYR A 152 -14.13 6.94 -1.66
C TYR A 152 -14.38 5.90 -0.57
N LEU A 153 -14.56 6.37 0.67
CA LEU A 153 -14.71 5.50 1.82
C LEU A 153 -16.18 5.22 2.11
N ALA A 154 -16.51 3.94 2.22
N ALA A 154 -16.53 3.94 2.12
CA ALA A 154 -17.83 3.51 2.65
CA ALA A 154 -17.89 3.49 2.41
C ALA A 154 -17.75 3.04 4.10
C ALA A 154 -17.93 3.01 3.85
N VAL A 155 -18.53 3.69 4.96
N VAL A 155 -18.74 3.66 4.67
CA VAL A 155 -18.62 3.34 6.38
CA VAL A 155 -18.84 3.38 6.10
CA VAL A 155 -18.67 3.40 6.30
C VAL A 155 -20.00 2.75 6.60
C VAL A 155 -20.15 2.67 6.37
C VAL A 155 -20.00 2.69 6.49
N PHE A 156 -20.07 1.43 6.83
N PHE A 156 -20.05 1.51 7.04
N PHE A 156 -19.93 1.43 6.92
CA PHE A 156 -21.36 0.73 6.87
CA PHE A 156 -21.22 0.67 7.29
CA PHE A 156 -21.12 0.58 7.03
C PHE A 156 -22.26 1.28 7.96
C PHE A 156 -22.05 1.17 8.49
C PHE A 156 -22.06 1.07 8.12
N ASP A 157 -21.72 1.54 9.14
N ASP A 157 -21.41 1.55 9.58
N ASP A 157 -21.51 1.48 9.26
CA ASP A 157 -22.51 1.88 10.32
CA ASP A 157 -22.13 1.90 10.81
CA ASP A 157 -22.30 1.80 10.44
C ASP A 157 -22.84 3.36 10.31
C ASP A 157 -22.48 3.38 10.83
C ASP A 157 -22.69 3.28 10.42
N LYS A 158 -24.14 3.69 10.37
N LYS A 158 -23.76 3.68 11.07
N LYS A 158 -24.00 3.56 10.45
CA LYS A 158 -24.55 5.10 10.31
CA LYS A 158 -24.25 5.06 10.99
CA LYS A 158 -24.46 4.93 10.36
C LYS A 158 -24.07 5.87 11.53
C LYS A 158 -23.69 5.90 12.14
C LYS A 158 -24.03 5.76 11.56
N ASN A 159 -24.16 5.27 12.71
N ASN A 159 -23.82 5.41 13.37
N ASN A 159 -24.14 5.20 12.76
CA ASN A 159 -23.75 5.97 13.92
CA ASN A 159 -23.21 6.12 14.49
CA ASN A 159 -23.76 5.91 13.97
C ASN A 159 -22.25 6.28 13.89
C ASN A 159 -21.73 6.35 14.23
C ASN A 159 -22.27 6.25 13.97
N LEU A 160 -21.42 5.31 13.49
N LEU A 160 -21.10 5.42 13.50
N LEU A 160 -21.45 5.34 13.46
CA LEU A 160 -19.98 5.54 13.44
CA LEU A 160 -19.73 5.64 13.07
CA LEU A 160 -20.01 5.56 13.38
C LEU A 160 -19.62 6.61 12.43
C LEU A 160 -19.65 6.70 11.99
N TYR A 161 -20.30 6.61 11.28
N TYR A 161 -20.42 6.54 10.91
CA TYR A 161 -20.08 7.64 10.28
CA TYR A 161 -20.39 7.55 9.85
C TYR A 161 -20.24 9.03 10.86
C TYR A 161 -20.66 8.94 10.42
N ASP A 162 -21.34 9.26 11.60
N ASP A 162 -21.74 9.08 11.16
CA ASP A 162 -21.58 10.58 12.16
CA ASP A 162 -22.05 10.38 11.76
C ASP A 162 -20.45 11.00 13.10
C ASP A 162 -20.94 10.85 12.69
N LYS A 163 -19.90 10.04 13.86
N LYS A 163 -20.37 9.93 13.47
CA LYS A 163 -18.82 10.34 14.79
CA LYS A 163 -19.26 10.30 14.35
C LYS A 163 -17.54 10.70 14.04
C LYS A 163 -18.01 10.64 13.55
N LEU A 164 -17.25 10.00 12.94
N LEU A 164 -17.73 9.84 12.51
CA LEU A 164 -16.05 10.30 12.15
CA LEU A 164 -16.55 10.10 11.69
C LEU A 164 -16.12 11.67 11.53
C LEU A 164 -16.59 11.49 11.09
N VAL A 165 -17.29 12.04 10.99
N VAL A 165 -17.76 11.89 10.57
CA VAL A 165 -17.47 13.35 10.38
CA VAL A 165 -17.89 13.24 10.04
C VAL A 165 -17.33 14.44 11.42
C VAL A 165 -17.81 14.26 11.17
N SER A 166 -18.09 14.33 12.51
N SER A 166 -18.54 14.02 12.25
CA SER A 166 -18.14 15.40 13.50
CA SER A 166 -18.65 15.02 13.31
C SER A 166 -16.81 15.58 14.20
C SER A 166 -17.29 15.40 13.88
N SER A 167 -16.03 14.52 14.33
N SER A 167 -16.35 14.46 13.92
CA SER A 167 -14.72 14.59 14.97
CA SER A 167 -15.03 14.69 14.51
C SER A 167 -13.60 14.84 13.97
C SER A 167 -13.99 14.54 13.40
N PHE A 168 -13.91 14.91 12.68
N PHE A 168 -13.69 15.63 12.70
CA PHE A 168 -12.83 15.03 11.70
CA PHE A 168 -12.68 15.57 11.64
C PHE A 168 -12.15 16.38 11.80
C PHE A 168 -11.82 16.83 11.52
N LEU A 169 -10.83 16.36 11.88
N LEU A 169 -12.43 18.00 11.37
CA LEU A 169 -10.07 17.59 11.97
CA LEU A 169 -11.65 19.23 11.18
C LEU A 169 -9.58 18.01 10.58
C LEU A 169 -11.06 19.74 12.50
N SER B 1 24.98 -18.75 9.74
N SER B 1 24.90 -18.74 9.76
CA SER B 1 25.48 -17.94 8.60
CA SER B 1 25.34 -17.95 8.59
C SER B 1 25.21 -16.47 8.83
C SER B 1 25.07 -16.47 8.83
N MET B 2 25.90 -15.65 8.05
N MET B 2 25.63 -15.66 7.94
CA MET B 2 25.93 -14.21 8.23
CA MET B 2 25.68 -14.21 8.11
C MET B 2 25.17 -13.58 7.07
C MET B 2 24.89 -13.57 6.97
N VAL B 3 24.05 -12.92 7.39
N VAL B 3 23.71 -13.07 7.28
CA VAL B 3 23.24 -12.21 6.41
CA VAL B 3 22.91 -12.29 6.34
C VAL B 3 22.91 -10.83 6.98
C VAL B 3 22.57 -10.95 6.94
N ASN B 4 22.53 -9.92 6.10
CA ASN B 4 22.21 -8.56 6.51
C ASN B 4 23.28 -8.00 7.45
N SER B 5 24.55 -8.25 7.12
CA SER B 5 25.66 -7.80 7.95
C SER B 5 26.20 -6.49 7.39
N PHE B 6 25.45 -5.42 7.62
CA PHE B 6 25.82 -4.10 7.14
C PHE B 6 26.88 -3.52 8.04
N SER B 7 27.92 -2.94 7.44
CA SER B 7 29.05 -2.42 8.19
C SER B 7 29.51 -1.08 7.61
N GLY B 8 29.84 -0.15 8.49
CA GLY B 8 30.43 1.10 8.07
C GLY B 8 29.43 2.13 7.58
N TYR B 9 28.15 1.99 7.92
CA TYR B 9 27.15 2.96 7.50
C TYR B 9 27.06 4.11 8.48
N LEU B 10 26.75 5.28 7.94
CA LEU B 10 26.49 6.48 8.72
C LEU B 10 24.99 6.59 8.94
N LYS B 11 24.58 6.77 10.20
CA LYS B 11 23.18 6.90 10.53
C LYS B 11 22.70 8.31 10.20
N LEU B 12 21.66 8.41 9.37
CA LEU B 12 21.01 9.69 9.09
C LEU B 12 19.78 9.90 9.95
N THR B 13 18.91 8.89 10.03
CA THR B 13 17.77 8.86 10.91
C THR B 13 17.75 7.51 11.60
N ASP B 14 16.73 7.29 12.44
N ASP B 14 16.72 7.28 12.43
CA ASP B 14 16.65 6.03 13.16
CA ASP B 14 16.63 6.03 13.17
C ASP B 14 16.63 4.83 12.21
C ASP B 14 16.46 4.82 12.27
N ASN B 15 16.12 5.01 10.99
CA ASN B 15 15.95 3.88 10.07
C ASN B 15 16.66 4.05 8.73
N VAL B 16 17.35 5.16 8.48
CA VAL B 16 18.02 5.40 7.19
C VAL B 16 19.51 5.55 7.45
N TYR B 17 20.29 4.73 6.76
CA TYR B 17 21.74 4.67 6.88
C TYR B 17 22.35 4.83 5.49
N ILE B 18 23.59 5.32 5.42
CA ILE B 18 24.21 5.64 4.14
C ILE B 18 25.70 5.29 4.17
N LYS B 19 26.21 4.86 3.02
CA LYS B 19 27.60 4.46 2.90
C LYS B 19 28.10 4.79 1.50
N ASN B 20 29.36 5.20 1.40
CA ASN B 20 30.02 5.39 0.11
C ASN B 20 30.50 4.01 -0.33
N ALA B 21 29.82 3.40 -1.29
CA ALA B 21 30.12 2.03 -1.65
C ALA B 21 29.49 1.68 -2.99
N ASP B 22 30.08 0.66 -3.61
CA ASP B 22 29.57 0.03 -4.82
C ASP B 22 28.51 -0.98 -4.40
N ILE B 23 27.27 -0.78 -4.86
CA ILE B 23 26.15 -1.60 -4.36
C ILE B 23 26.32 -3.07 -4.68
N VAL B 24 26.98 -3.39 -5.81
CA VAL B 24 27.24 -4.80 -6.14
C VAL B 24 28.21 -5.41 -5.14
N GLU B 25 29.32 -4.72 -4.89
CA GLU B 25 30.28 -5.21 -3.90
C GLU B 25 29.64 -5.29 -2.53
N GLU B 26 28.82 -4.30 -2.18
N GLU B 26 28.82 -4.29 -2.18
CA GLU B 26 28.12 -4.32 -0.90
CA GLU B 26 28.13 -4.31 -0.90
C GLU B 26 27.22 -5.53 -0.79
C GLU B 26 27.20 -5.52 -0.80
N ALA B 27 26.42 -5.78 -1.84
CA ALA B 27 25.50 -6.92 -1.81
C ALA B 27 26.27 -8.22 -1.58
N LYS B 28 27.40 -8.39 -2.28
CA LYS B 28 28.16 -9.63 -2.13
C LYS B 28 28.74 -9.77 -0.72
N LYS B 29 29.07 -8.65 -0.07
CA LYS B 29 29.65 -8.72 1.27
C LYS B 29 28.58 -8.82 2.36
N VAL B 30 27.49 -8.04 2.23
CA VAL B 30 26.46 -7.94 3.27
C VAL B 30 25.55 -9.15 3.27
N LYS B 31 25.33 -9.74 2.11
CA LYS B 31 24.39 -10.84 1.93
C LYS B 31 22.98 -10.41 2.37
N PRO B 32 22.42 -9.37 1.77
CA PRO B 32 21.13 -8.86 2.24
C PRO B 32 19.98 -9.76 1.81
N THR B 33 18.92 -9.75 2.62
CA THR B 33 17.68 -10.37 2.20
C THR B 33 17.13 -9.72 0.94
N VAL B 34 17.25 -8.39 0.83
CA VAL B 34 16.67 -7.65 -0.28
C VAL B 34 17.69 -6.64 -0.78
N VAL B 35 18.00 -6.69 -2.09
CA VAL B 35 18.66 -5.59 -2.76
C VAL B 35 17.66 -4.94 -3.69
N VAL B 36 17.61 -3.61 -3.68
CA VAL B 36 16.72 -2.84 -4.54
C VAL B 36 17.41 -2.55 -5.86
N ASN B 37 16.70 -2.79 -6.95
CA ASN B 37 17.14 -2.37 -8.28
C ASN B 37 16.41 -1.09 -8.67
N ALA B 38 17.16 -0.17 -9.29
CA ALA B 38 16.61 1.03 -9.92
C ALA B 38 16.10 0.63 -11.31
N ALA B 39 14.89 0.07 -11.32
CA ALA B 39 14.31 -0.56 -12.49
C ALA B 39 13.51 0.42 -13.34
N ASN B 40 13.18 -0.01 -14.54
CA ASN B 40 12.19 0.63 -15.39
C ASN B 40 11.01 -0.33 -15.60
N VAL B 41 9.95 0.17 -16.24
CA VAL B 41 8.69 -0.58 -16.24
C VAL B 41 8.79 -1.89 -17.01
N TYR B 42 9.69 -1.99 -17.99
CA TYR B 42 9.87 -3.22 -18.74
C TYR B 42 11.05 -4.05 -18.24
N LEU B 43 11.61 -3.70 -17.09
CA LEU B 43 12.71 -4.44 -16.49
C LEU B 43 13.81 -4.70 -17.51
N LYS B 44 14.17 -3.66 -18.26
CA LYS B 44 15.29 -3.70 -19.20
C LYS B 44 16.49 -3.08 -18.50
N HIS B 45 17.42 -3.93 -18.08
CA HIS B 45 18.48 -3.54 -17.16
C HIS B 45 19.73 -3.11 -17.93
N GLY B 46 19.62 -1.92 -18.53
N GLY B 46 19.61 -1.94 -18.55
CA GLY B 46 20.65 -1.45 -19.44
CA GLY B 46 20.67 -1.46 -19.42
C GLY B 46 21.79 -0.65 -18.86
C GLY B 46 21.80 -0.77 -18.69
N GLY B 47 21.48 0.33 -18.02
CA GLY B 47 22.49 1.25 -17.51
C GLY B 47 22.45 1.42 -16.01
N GLY B 48 23.39 2.21 -15.51
CA GLY B 48 23.38 2.57 -14.10
C GLY B 48 23.34 1.35 -13.21
N VAL B 49 22.57 1.47 -12.12
CA VAL B 49 22.48 0.40 -11.13
C VAL B 49 21.97 -0.89 -11.76
N ALA B 50 20.91 -0.80 -12.56
CA ALA B 50 20.32 -2.01 -13.13
C ALA B 50 21.31 -2.75 -14.01
N GLY B 51 22.04 -2.01 -14.84
CA GLY B 51 23.05 -2.67 -15.67
C GLY B 51 24.11 -3.36 -14.85
N ALA B 52 24.54 -2.72 -13.77
CA ALA B 52 25.57 -3.31 -12.92
C ALA B 52 25.06 -4.55 -12.20
N LEU B 53 23.84 -4.49 -11.64
CA LEU B 53 23.29 -5.66 -10.97
C LEU B 53 23.13 -6.81 -11.96
N ASN B 54 22.58 -6.53 -13.14
CA ASN B 54 22.36 -7.60 -14.10
C ASN B 54 23.69 -8.22 -14.54
N LYS B 55 24.68 -7.37 -14.81
CA LYS B 55 26.00 -7.89 -15.19
C LYS B 55 26.56 -8.81 -14.11
N ALA B 56 26.38 -8.44 -12.84
CA ALA B 56 26.90 -9.28 -11.76
C ALA B 56 26.26 -10.65 -11.76
N THR B 57 25.00 -10.74 -12.21
CA THR B 57 24.31 -12.02 -12.31
C THR B 57 24.58 -12.76 -13.63
N ASN B 58 25.51 -12.25 -14.43
CA ASN B 58 25.81 -12.87 -15.73
C ASN B 58 24.55 -12.98 -16.59
N ASN B 59 23.72 -11.94 -16.55
CA ASN B 59 22.51 -11.78 -17.35
C ASN B 59 21.34 -12.64 -16.85
N ALA B 60 21.51 -13.41 -15.78
CA ALA B 60 20.40 -14.22 -15.28
C ALA B 60 19.22 -13.34 -14.86
N MET B 61 19.51 -12.17 -14.29
CA MET B 61 18.44 -11.26 -13.91
C MET B 61 17.62 -10.83 -15.12
N GLN B 62 18.29 -10.53 -16.24
CA GLN B 62 17.56 -10.09 -17.42
C GLN B 62 16.69 -11.21 -17.98
N VAL B 63 17.20 -12.44 -18.03
CA VAL B 63 16.40 -13.55 -18.54
C VAL B 63 15.17 -13.74 -17.68
N GLU B 64 15.36 -13.74 -16.36
CA GLU B 64 14.23 -13.88 -15.44
C GLU B 64 13.25 -12.73 -15.59
N SER B 65 13.76 -11.52 -15.77
CA SER B 65 12.91 -10.34 -15.92
C SER B 65 12.07 -10.40 -17.19
N ASP B 66 12.67 -10.82 -18.30
CA ASP B 66 11.91 -10.92 -19.55
C ASP B 66 10.77 -11.93 -19.42
N ASP B 67 11.02 -13.04 -18.71
CA ASP B 67 9.95 -14.00 -18.48
C ASP B 67 8.86 -13.40 -17.60
N TYR B 68 9.24 -12.66 -16.55
CA TYR B 68 8.24 -11.98 -15.72
C TYR B 68 7.37 -11.06 -16.57
N ILE B 69 7.98 -10.29 -17.47
CA ILE B 69 7.23 -9.35 -18.29
C ILE B 69 6.30 -10.09 -19.24
N ALA B 70 6.77 -11.19 -19.83
CA ALA B 70 5.90 -11.96 -20.72
C ALA B 70 4.64 -12.40 -19.99
N THR B 71 4.77 -12.80 -18.73
CA THR B 71 3.63 -13.31 -17.98
C THR B 71 2.76 -12.21 -17.42
N ASN B 72 3.36 -11.10 -16.98
CA ASN B 72 2.67 -10.10 -16.18
C ASN B 72 2.50 -8.74 -16.82
N GLY B 73 3.23 -8.44 -17.90
CA GLY B 73 3.22 -7.11 -18.46
C GLY B 73 4.06 -6.15 -17.65
N PRO B 74 4.17 -4.92 -18.13
CA PRO B 74 5.06 -3.94 -17.49
C PRO B 74 4.53 -3.49 -16.13
N LEU B 75 5.47 -3.06 -15.29
CA LEU B 75 5.14 -2.43 -14.04
C LEU B 75 4.58 -1.03 -14.28
N LYS B 76 4.04 -0.44 -13.22
CA LYS B 76 3.68 0.98 -13.20
C LYS B 76 4.85 1.79 -12.66
N VAL B 77 5.04 3.01 -13.18
CA VAL B 77 5.94 3.94 -12.52
C VAL B 77 5.45 4.16 -11.09
N GLY B 78 6.34 4.00 -10.13
CA GLY B 78 5.99 4.01 -8.73
C GLY B 78 5.76 2.64 -8.14
N GLY B 79 5.71 1.59 -8.97
CA GLY B 79 5.47 0.24 -8.52
C GLY B 79 6.74 -0.59 -8.43
N SER B 80 6.55 -1.87 -8.10
CA SER B 80 7.67 -2.76 -7.88
C SER B 80 7.23 -4.21 -8.10
N CYS B 81 8.24 -5.09 -8.22
CA CYS B 81 8.02 -6.52 -8.11
C CYS B 81 9.22 -7.15 -7.43
N VAL B 82 8.97 -8.30 -6.80
CA VAL B 82 10.00 -9.08 -6.14
C VAL B 82 10.41 -10.24 -7.05
N LEU B 83 11.70 -10.32 -7.37
CA LEU B 83 12.26 -11.42 -8.13
C LEU B 83 13.47 -11.97 -7.37
N SER B 84 14.16 -12.95 -7.96
CA SER B 84 15.31 -13.53 -7.29
C SER B 84 16.43 -12.50 -7.17
N GLY B 85 17.22 -12.65 -6.10
CA GLY B 85 18.43 -11.90 -5.96
C GLY B 85 19.67 -12.58 -6.49
N HIS B 86 19.58 -13.79 -7.03
CA HIS B 86 20.70 -14.42 -7.75
C HIS B 86 21.91 -14.52 -6.82
N ASN B 87 23.09 -14.05 -7.23
CA ASN B 87 24.29 -14.09 -6.41
C ASN B 87 24.46 -12.83 -5.56
N LEU B 88 23.42 -12.00 -5.47
CA LEU B 88 23.50 -10.71 -4.78
C LEU B 88 22.72 -10.67 -3.47
N ALA B 89 21.63 -11.41 -3.37
CA ALA B 89 20.70 -11.24 -2.27
C ALA B 89 19.70 -12.38 -2.36
N LYS B 90 18.93 -12.57 -1.30
CA LYS B 90 17.82 -13.52 -1.41
C LYS B 90 16.84 -13.07 -2.49
N HIS B 91 16.42 -11.81 -2.44
CA HIS B 91 15.47 -11.23 -3.38
C HIS B 91 16.03 -9.94 -3.94
N CYS B 92 15.61 -9.62 -5.17
CA CYS B 92 15.76 -8.29 -5.73
C CYS B 92 14.39 -7.65 -5.80
N LEU B 93 14.24 -6.50 -5.15
CA LEU B 93 13.03 -5.68 -5.27
C LEU B 93 13.27 -4.68 -6.39
N HIS B 94 12.63 -4.90 -7.53
CA HIS B 94 12.74 -4.00 -8.67
C HIS B 94 11.74 -2.88 -8.48
N VAL B 95 12.23 -1.65 -8.25
CA VAL B 95 11.38 -0.50 -7.97
C VAL B 95 11.55 0.52 -9.08
N VAL B 96 10.43 1.01 -9.60
CA VAL B 96 10.45 1.97 -10.70
C VAL B 96 10.20 3.37 -10.14
N GLY B 97 11.26 4.16 -10.00
CA GLY B 97 11.11 5.57 -9.71
C GLY B 97 10.89 6.33 -11.01
N PRO B 98 10.35 7.54 -10.91
CA PRO B 98 10.18 8.36 -12.12
C PRO B 98 11.52 8.73 -12.73
N ASN B 99 11.58 8.69 -14.05
CA ASN B 99 12.77 9.10 -14.80
C ASN B 99 12.53 10.51 -15.32
N VAL B 100 13.12 11.51 -14.64
N VAL B 100 13.13 11.50 -14.64
CA VAL B 100 12.95 12.90 -15.07
CA VAL B 100 12.98 12.89 -15.03
C VAL B 100 13.56 13.13 -16.44
C VAL B 100 13.58 13.14 -16.42
N ASN B 101 14.63 12.41 -16.77
CA ASN B 101 15.23 12.52 -18.10
C ASN B 101 14.30 12.02 -19.20
N LYS B 102 13.24 11.27 -18.84
CA LYS B 102 12.20 10.87 -19.77
C LYS B 102 10.92 11.69 -19.57
N GLY B 103 10.96 12.74 -18.77
CA GLY B 103 9.82 13.60 -18.57
C GLY B 103 8.79 13.10 -17.58
N GLU B 104 9.09 12.04 -16.84
N GLU B 104 9.10 12.06 -16.81
CA GLU B 104 8.13 11.47 -15.91
CA GLU B 104 8.13 11.52 -15.86
C GLU B 104 8.01 12.34 -14.66
C GLU B 104 8.06 12.39 -14.60
N ASP B 105 6.86 12.23 -14.00
N ASP B 105 6.91 12.32 -13.93
CA ASP B 105 6.51 13.14 -12.92
CA ASP B 105 6.59 13.24 -12.85
C ASP B 105 7.30 12.80 -11.66
C ASP B 105 7.37 12.86 -11.59
N ILE B 106 8.12 13.75 -11.22
N ILE B 106 8.21 13.79 -11.11
CA ILE B 106 8.92 13.58 -10.00
CA ILE B 106 8.98 13.57 -9.90
C ILE B 106 8.05 13.31 -8.78
C ILE B 106 8.10 13.32 -8.69
N GLN B 107 6.78 13.75 -8.80
N GLN B 107 6.83 13.71 -8.75
CA GLN B 107 5.88 13.51 -7.68
CA GLN B 107 5.92 13.48 -7.62
C GLN B 107 5.71 12.02 -7.37
C GLN B 107 5.69 12.00 -7.36
N LEU B 108 5.92 11.14 -8.35
CA LEU B 108 5.76 9.69 -8.16
C LEU B 108 6.87 9.06 -7.34
N LEU B 109 7.88 9.85 -6.96
CA LEU B 109 8.99 9.30 -6.19
C LEU B 109 8.54 8.81 -4.81
N LYS B 110 7.58 9.49 -4.19
CA LYS B 110 7.11 9.03 -2.88
C LYS B 110 6.46 7.65 -3.00
N SER B 111 5.59 7.47 -3.98
CA SER B 111 4.98 6.15 -4.20
C SER B 111 6.05 5.09 -4.40
N ALA B 112 7.10 5.40 -5.17
CA ALA B 112 8.17 4.45 -5.40
C ALA B 112 8.82 4.03 -4.09
N TYR B 113 9.14 5.01 -3.24
CA TYR B 113 9.77 4.68 -1.96
C TYR B 113 8.84 3.89 -1.03
N GLU B 114 7.52 4.07 -1.16
CA GLU B 114 6.60 3.34 -0.30
C GLU B 114 6.78 1.83 -0.46
N ASN B 115 7.25 1.38 -1.62
CA ASN B 115 7.49 -0.05 -1.79
C ASN B 115 8.48 -0.58 -0.77
N PHE B 116 9.43 0.25 -0.34
CA PHE B 116 10.43 -0.21 0.61
C PHE B 116 9.79 -0.63 1.93
N ASN B 117 8.64 -0.05 2.29
CA ASN B 117 8.03 -0.34 3.59
C ASN B 117 7.48 -1.75 3.69
N GLN B 118 7.44 -2.49 2.59
CA GLN B 118 7.02 -3.88 2.62
C GLN B 118 8.14 -4.84 2.98
N HIS B 119 9.34 -4.32 3.32
CA HIS B 119 10.49 -5.15 3.64
C HIS B 119 11.17 -4.57 4.87
N GLU B 120 11.50 -5.42 5.84
CA GLU B 120 12.00 -4.92 7.11
C GLU B 120 13.38 -4.29 6.98
N VAL B 121 14.21 -4.79 6.07
CA VAL B 121 15.57 -4.27 5.85
C VAL B 121 15.94 -4.45 4.39
N LEU B 122 16.56 -3.42 3.81
CA LEU B 122 16.93 -3.41 2.40
C LEU B 122 18.27 -2.73 2.20
N LEU B 123 19.03 -3.23 1.22
CA LEU B 123 20.16 -2.52 0.62
C LEU B 123 19.65 -1.84 -0.65
N ALA B 124 19.91 -0.54 -0.80
CA ALA B 124 19.25 0.18 -1.88
C ALA B 124 20.07 1.31 -2.44
N PRO B 125 19.83 1.69 -3.69
CA PRO B 125 20.31 2.96 -4.23
C PRO B 125 19.25 4.04 -3.98
N LEU B 126 19.66 5.30 -4.19
CA LEU B 126 18.70 6.40 -4.19
C LEU B 126 17.85 6.34 -5.45
N LEU B 127 16.54 6.24 -5.27
CA LEU B 127 15.65 6.12 -6.41
C LEU B 127 15.62 7.42 -7.22
N SER B 128 15.50 7.25 -8.53
CA SER B 128 15.40 8.32 -9.50
C SER B 128 16.67 9.15 -9.63
N ALA B 129 17.75 8.75 -8.95
CA ALA B 129 19.02 9.46 -9.05
C ALA B 129 19.77 9.02 -10.29
N GLY B 130 20.93 9.65 -10.50
CA GLY B 130 21.82 9.20 -11.56
C GLY B 130 21.20 9.36 -12.92
N ILE B 131 21.21 8.27 -13.69
CA ILE B 131 20.70 8.29 -15.05
C ILE B 131 19.21 8.58 -15.10
N PHE B 132 18.49 8.48 -13.98
CA PHE B 132 17.08 8.84 -13.93
C PHE B 132 16.84 10.33 -13.78
N GLY B 133 17.87 11.13 -13.44
CA GLY B 133 17.81 12.57 -13.59
C GLY B 133 17.27 13.39 -12.43
N ALA B 134 16.80 12.78 -11.35
CA ALA B 134 16.32 13.58 -10.24
C ALA B 134 17.48 14.09 -9.40
N ASP B 135 17.21 15.13 -8.62
CA ASP B 135 18.19 15.65 -7.69
C ASP B 135 18.40 14.62 -6.59
N PRO B 136 19.61 14.08 -6.41
CA PRO B 136 19.79 13.07 -5.36
C PRO B 136 19.52 13.60 -3.96
N ILE B 137 19.73 14.90 -3.72
CA ILE B 137 19.37 15.48 -2.43
C ILE B 137 17.88 15.35 -2.19
N HIS B 138 17.08 15.60 -3.21
CA HIS B 138 15.64 15.41 -3.08
C HIS B 138 15.29 13.95 -2.89
N SER B 139 15.96 13.05 -3.61
CA SER B 139 15.65 11.63 -3.45
C SER B 139 15.91 11.19 -2.02
N LEU B 140 17.01 11.65 -1.43
CA LEU B 140 17.29 11.32 -0.03
C LEU B 140 16.22 11.89 0.89
N ARG B 141 15.78 13.12 0.63
CA ARG B 141 14.69 13.73 1.39
C ARG B 141 13.44 12.87 1.36
N VAL B 142 13.02 12.48 0.15
CA VAL B 142 11.81 11.67 0.04
C VAL B 142 12.01 10.32 0.73
N CYS B 143 13.20 9.74 0.58
CA CYS B 143 13.49 8.47 1.26
C CYS B 143 13.28 8.62 2.77
N VAL B 144 13.92 9.61 3.37
CA VAL B 144 13.82 9.78 4.81
C VAL B 144 12.38 10.04 5.25
N ASP B 145 11.62 10.77 4.45
CA ASP B 145 10.27 11.17 4.82
C ASP B 145 9.23 10.11 4.48
N THR B 146 9.63 9.02 3.83
CA THR B 146 8.69 8.00 3.37
C THR B 146 8.98 6.62 3.92
N VAL B 147 10.24 6.21 3.92
CA VAL B 147 10.61 4.86 4.34
C VAL B 147 10.68 4.83 5.85
N ARG B 148 10.02 3.82 6.43
CA ARG B 148 10.05 3.59 7.87
C ARG B 148 10.78 2.32 8.25
N THR B 149 10.98 1.41 7.31
CA THR B 149 11.77 0.20 7.54
C THR B 149 13.25 0.56 7.39
N ASN B 150 14.12 -0.41 7.64
CA ASN B 150 15.55 -0.12 7.74
C ASN B 150 16.18 -0.16 6.35
N VAL B 151 16.63 1.00 5.87
CA VAL B 151 17.19 1.11 4.53
C VAL B 151 18.64 1.55 4.62
N TYR B 152 19.50 0.78 3.95
CA TYR B 152 20.93 0.99 3.87
C TYR B 152 21.25 1.43 2.45
N LEU B 153 21.56 2.72 2.29
CA LEU B 153 21.79 3.33 0.99
C LEU B 153 23.26 3.26 0.61
N ALA B 154 23.52 2.81 -0.62
CA ALA B 154 24.86 2.76 -1.18
C ALA B 154 24.99 3.85 -2.23
N VAL B 155 25.99 4.73 -2.05
CA VAL B 155 26.27 5.81 -2.97
C VAL B 155 27.69 5.60 -3.50
N PHE B 156 27.81 5.41 -4.81
CA PHE B 156 29.08 5.03 -5.40
C PHE B 156 30.13 6.15 -5.35
N ASP B 157 29.76 7.35 -5.77
CA ASP B 157 30.71 8.43 -5.89
C ASP B 157 30.92 9.11 -4.54
N LYS B 158 32.16 9.08 -4.03
CA LYS B 158 32.50 9.74 -2.77
C LYS B 158 32.07 11.21 -2.76
N ASN B 159 32.21 11.91 -3.89
CA ASN B 159 31.87 13.32 -3.92
C ASN B 159 30.37 13.55 -3.79
N LEU B 160 29.56 12.66 -4.38
CA LEU B 160 28.11 12.77 -4.18
C LEU B 160 27.74 12.37 -2.76
N TYR B 161 28.37 11.31 -2.24
CA TYR B 161 28.15 10.93 -0.85
C TYR B 161 28.38 12.11 0.07
N ASP B 162 29.50 12.81 -0.11
CA ASP B 162 29.82 13.94 0.74
C ASP B 162 28.78 15.05 0.61
N LYS B 163 28.33 15.32 -0.60
CA LYS B 163 27.30 16.34 -0.80
C LYS B 163 26.00 15.95 -0.10
N LEU B 164 25.62 14.67 -0.18
CA LEU B 164 24.40 14.20 0.46
C LEU B 164 24.50 14.30 1.97
N VAL B 165 25.60 13.83 2.54
CA VAL B 165 25.75 13.81 4.00
C VAL B 165 25.88 15.23 4.53
N SER B 166 26.75 16.02 3.90
CA SER B 166 27.05 17.35 4.43
C SER B 166 25.85 18.27 4.35
N SER B 167 24.93 18.05 3.42
CA SER B 167 23.76 18.89 3.27
C SER B 167 22.50 18.35 3.95
N PHE B 168 22.54 17.13 4.48
CA PHE B 168 21.34 16.55 5.10
C PHE B 168 20.96 17.28 6.38
N LEU B 169 21.94 17.75 7.13
CA LEU B 169 21.72 18.43 8.40
C LEU B 169 22.77 19.51 8.68
#